data_1YRY
#
_entry.id   1YRY
#
_cell.length_a   138.990
_cell.length_b   138.990
_cell.length_c   159.850
_cell.angle_alpha   90.00
_cell.angle_beta   90.00
_cell.angle_gamma   120.00
#
_symmetry.space_group_name_H-M   'H 3 2'
#
loop_
_entity.id
_entity.type
_entity.pdbx_description
1 polymer 'Purine nucleoside phosphorylase'
2 non-polymer 'SULFATE ION'
3 non-polymer 7-METHYL-6-THIO-GUANOSINE
4 water water
#
_entity_poly.entity_id   1
_entity_poly.type   'polypeptide(L)'
_entity_poly.pdbx_seq_one_letter_code
;MENGYTYEDYKNTAEWLLSHTKHRPQVAIICGSGLGGLTDKLTQAQIFDYSEIPNFPRSTVPGHAGRLVFGFLNGRACVM
MQGRFHMYEGYPLWKVTFPVRVFHLLGVDTLVVTNAAGGLNPKFEVGDIMLIRDHINLPGFSGQNPLRGPNDERFGDRFP
AMSDAYDRTMRQRALSTWKQMGEQRELQEGTYVMVAGPSFETVAECRVLQKLGADAVGMSTVPEVIVARHCGLRVFGFSL
ITNKVIMDYESLEKANHEEVLAAGKQAAQKLEQFVSILMASIPLPDKAS
;
_entity_poly.pdbx_strand_id   E
#
# COMPACT_ATOMS: atom_id res chain seq x y z
N GLU A 2 7.85 -7.34 -13.14
CA GLU A 2 8.51 -8.18 -14.19
C GLU A 2 9.98 -7.79 -14.51
N ASN A 3 10.18 -7.19 -15.70
CA ASN A 3 11.50 -6.80 -16.21
C ASN A 3 12.52 -6.25 -15.21
N GLY A 4 13.77 -6.11 -15.68
CA GLY A 4 14.84 -5.60 -14.83
C GLY A 4 15.40 -6.67 -13.89
N TYR A 5 14.52 -7.40 -13.25
CA TYR A 5 14.97 -8.44 -12.37
C TYR A 5 14.65 -9.74 -13.06
N THR A 6 15.40 -10.76 -12.67
CA THR A 6 15.25 -12.10 -13.20
C THR A 6 14.62 -12.84 -12.02
N TYR A 7 13.97 -13.97 -12.26
CA TYR A 7 13.39 -14.69 -11.15
C TYR A 7 14.41 -14.91 -10.04
N GLU A 8 15.62 -15.37 -10.37
CA GLU A 8 16.62 -15.58 -9.33
C GLU A 8 16.94 -14.32 -8.54
N ASP A 9 16.64 -13.15 -9.06
CA ASP A 9 16.92 -11.96 -8.28
C ASP A 9 16.00 -11.98 -7.08
N TYR A 10 14.70 -12.19 -7.35
CA TYR A 10 13.70 -12.27 -6.32
C TYR A 10 14.05 -13.46 -5.46
N LYS A 11 14.53 -14.54 -6.08
CA LYS A 11 14.90 -15.72 -5.32
C LYS A 11 16.01 -15.31 -4.35
N ASN A 12 17.18 -14.98 -4.87
CA ASN A 12 18.32 -14.55 -4.06
C ASN A 12 17.91 -13.63 -2.92
N THR A 13 17.16 -12.59 -3.25
CA THR A 13 16.71 -11.65 -2.25
C THR A 13 15.84 -12.30 -1.21
N ALA A 14 14.97 -13.23 -1.64
CA ALA A 14 14.03 -13.91 -0.73
C ALA A 14 14.76 -14.82 0.23
N GLU A 15 15.66 -15.61 -0.33
CA GLU A 15 16.45 -16.52 0.45
C GLU A 15 17.40 -15.77 1.37
N TRP A 16 17.94 -14.64 0.93
CA TRP A 16 18.87 -13.88 1.78
C TRP A 16 18.12 -13.37 3.00
N LEU A 17 16.94 -12.81 2.75
CA LEU A 17 16.10 -12.30 3.81
C LEU A 17 15.76 -13.43 4.79
N LEU A 18 15.44 -14.61 4.26
CA LEU A 18 15.13 -15.78 5.10
C LEU A 18 16.37 -16.22 5.87
N SER A 19 17.52 -16.24 5.19
CA SER A 19 18.74 -16.65 5.86
C SER A 19 19.26 -15.52 6.75
N HIS A 20 18.48 -14.46 6.92
CA HIS A 20 18.89 -13.34 7.72
C HIS A 20 17.96 -12.89 8.80
N THR A 21 16.77 -13.46 8.83
CA THR A 21 15.83 -13.11 9.87
C THR A 21 15.25 -14.47 10.19
N LYS A 22 15.12 -14.81 11.47
CA LYS A 22 14.53 -16.10 11.81
C LYS A 22 13.04 -16.02 11.59
N HIS A 23 12.58 -14.82 11.24
CA HIS A 23 11.16 -14.56 10.97
C HIS A 23 10.73 -15.10 9.60
N ARG A 24 9.46 -15.47 9.50
CA ARG A 24 8.87 -15.95 8.26
C ARG A 24 7.52 -15.24 8.34
N PRO A 25 7.32 -14.18 7.52
CA PRO A 25 6.08 -13.40 7.51
C PRO A 25 4.88 -14.02 6.83
N GLN A 26 3.70 -13.57 7.21
CA GLN A 26 2.47 -14.06 6.60
C GLN A 26 1.79 -12.85 6.02
N VAL A 27 1.87 -11.74 6.73
CA VAL A 27 1.28 -10.51 6.24
C VAL A 27 2.37 -9.51 5.91
N ALA A 28 2.29 -8.88 4.74
CA ALA A 28 3.27 -7.88 4.31
C ALA A 28 2.50 -6.60 4.38
N ILE A 29 3.02 -5.59 5.07
CA ILE A 29 2.31 -4.30 5.18
C ILE A 29 3.16 -3.19 4.55
N ILE A 30 2.52 -2.34 3.76
CA ILE A 30 3.26 -1.27 3.14
C ILE A 30 2.67 0.02 3.62
N CYS A 31 3.44 0.71 4.47
CA CYS A 31 3.02 1.94 5.10
C CYS A 31 3.16 3.13 4.18
N GLY A 32 2.12 3.95 4.07
CA GLY A 32 2.17 5.13 3.25
C GLY A 32 2.80 6.28 4.02
N SER A 33 2.75 7.50 3.51
CA SER A 33 3.36 8.64 4.21
C SER A 33 2.61 8.95 5.48
N GLY A 34 3.34 8.97 6.59
CA GLY A 34 2.73 9.27 7.88
C GLY A 34 2.28 8.07 8.67
N LEU A 35 2.16 6.93 8.00
CA LEU A 35 1.73 5.69 8.66
C LEU A 35 2.94 4.79 8.82
N GLY A 36 4.12 5.39 8.90
CA GLY A 36 5.32 4.61 9.08
C GLY A 36 5.38 4.09 10.51
N GLY A 37 4.69 4.79 11.41
CA GLY A 37 4.63 4.43 12.82
C GLY A 37 4.18 3.02 13.13
N LEU A 38 3.47 2.38 12.22
CA LEU A 38 3.04 1.01 12.46
C LEU A 38 4.24 0.20 12.93
N THR A 39 5.43 0.59 12.49
CA THR A 39 6.65 -0.10 12.85
C THR A 39 7.00 -0.16 14.34
N ASP A 40 6.26 0.58 15.16
CA ASP A 40 6.53 0.57 16.60
C ASP A 40 5.66 -0.47 17.30
N LYS A 41 4.53 -0.77 16.68
CA LYS A 41 3.58 -1.72 17.20
C LYS A 41 4.06 -3.16 17.12
N LEU A 42 5.10 -3.39 16.32
CA LEU A 42 5.64 -4.72 16.15
C LEU A 42 6.46 -5.13 17.36
N THR A 43 6.72 -6.43 17.48
CA THR A 43 7.52 -6.97 18.56
C THR A 43 8.41 -7.94 17.83
N GLN A 44 9.55 -8.27 18.43
CA GLN A 44 10.48 -9.21 17.81
C GLN A 44 11.06 -8.53 16.58
N ALA A 45 10.77 -7.23 16.45
CA ALA A 45 11.23 -6.43 15.30
C ALA A 45 12.67 -6.61 14.92
N GLN A 46 12.89 -6.84 13.65
CA GLN A 46 14.23 -6.98 13.14
C GLN A 46 14.22 -6.07 11.92
N ILE A 47 15.03 -5.02 11.98
CA ILE A 47 15.12 -4.00 10.95
C ILE A 47 16.21 -4.25 9.92
N PHE A 48 15.89 -4.01 8.65
CA PHE A 48 16.82 -4.14 7.53
C PHE A 48 16.66 -2.87 6.75
N ASP A 49 17.76 -2.24 6.36
CA ASP A 49 17.66 -1.03 5.55
C ASP A 49 17.59 -1.59 4.11
N TYR A 50 16.69 -1.06 3.29
CA TYR A 50 16.52 -1.54 1.90
C TYR A 50 17.89 -1.76 1.34
N SER A 51 18.66 -0.71 1.45
CA SER A 51 20.03 -0.69 1.02
C SER A 51 20.80 -2.00 1.23
N GLU A 52 20.78 -2.54 2.44
CA GLU A 52 21.52 -3.77 2.73
C GLU A 52 21.01 -5.07 2.13
N ILE A 53 19.75 -5.12 1.70
CA ILE A 53 19.19 -6.33 1.12
C ILE A 53 19.55 -6.44 -0.35
N PRO A 54 20.10 -7.58 -0.77
CA PRO A 54 20.52 -7.85 -2.14
C PRO A 54 20.03 -7.09 -3.37
N ASN A 55 18.78 -7.19 -3.77
CA ASN A 55 18.45 -6.45 -4.98
C ASN A 55 17.41 -5.39 -4.74
N PHE A 56 17.18 -5.08 -3.47
CA PHE A 56 16.17 -4.12 -3.03
C PHE A 56 16.44 -2.70 -3.41
N PRO A 57 15.54 -2.09 -4.19
CA PRO A 57 15.76 -0.72 -4.57
C PRO A 57 16.10 0.06 -3.31
N ARG A 58 17.14 0.86 -3.37
CA ARG A 58 17.55 1.67 -2.24
C ARG A 58 16.70 2.95 -2.35
N SER A 59 16.56 3.71 -1.28
CA SER A 59 15.77 4.95 -1.36
C SER A 59 16.57 6.03 -2.09
N THR A 60 15.89 6.99 -2.71
CA THR A 60 16.58 8.07 -3.44
C THR A 60 17.00 9.23 -2.55
N VAL A 61 16.06 9.64 -1.68
CA VAL A 61 16.23 10.74 -0.73
C VAL A 61 15.49 10.41 0.58
N PRO A 62 14.18 10.06 0.50
CA PRO A 62 13.38 9.72 1.68
C PRO A 62 13.85 8.49 2.45
N GLY A 63 15.13 8.15 2.30
CA GLY A 63 15.69 7.03 3.02
C GLY A 63 15.36 7.22 4.48
N HIS A 64 15.34 8.50 4.89
CA HIS A 64 14.99 8.91 6.26
C HIS A 64 13.48 8.78 6.40
N ALA A 65 13.04 7.53 6.23
CA ALA A 65 11.65 7.06 6.29
C ALA A 65 11.59 5.74 5.51
N GLY A 66 12.74 5.10 5.23
CA GLY A 66 12.70 3.88 4.44
C GLY A 66 13.47 2.64 4.81
N ARG A 67 12.80 1.65 5.39
CA ARG A 67 13.45 0.38 5.74
C ARG A 67 12.42 -0.73 5.84
N LEU A 68 12.89 -1.98 5.91
CA LEU A 68 12.01 -3.13 5.98
C LEU A 68 12.05 -3.67 7.41
N VAL A 69 10.93 -3.62 8.12
CA VAL A 69 10.90 -4.11 9.50
C VAL A 69 10.14 -5.43 9.68
N PHE A 70 10.84 -6.51 10.04
CA PHE A 70 10.22 -7.82 10.30
C PHE A 70 9.88 -7.96 11.78
N GLY A 71 8.61 -8.16 12.10
CA GLY A 71 8.23 -8.33 13.48
C GLY A 71 6.99 -9.17 13.61
N PHE A 72 6.18 -8.87 14.62
CA PHE A 72 4.94 -9.56 14.86
C PHE A 72 3.97 -8.48 15.20
N LEU A 73 2.80 -8.52 14.59
CA LEU A 73 1.81 -7.51 14.89
C LEU A 73 0.52 -8.28 15.19
N ASN A 74 -0.06 -7.94 16.34
CA ASN A 74 -1.33 -8.51 16.82
C ASN A 74 -1.53 -9.99 16.55
N GLY A 75 -0.49 -10.78 16.80
CA GLY A 75 -0.60 -12.21 16.61
C GLY A 75 -0.53 -12.62 15.17
N ARG A 76 0.34 -11.95 14.42
CA ARG A 76 0.50 -12.24 13.00
C ARG A 76 1.93 -11.90 12.62
N ALA A 77 2.63 -12.83 11.99
CA ALA A 77 4.00 -12.59 11.58
C ALA A 77 4.05 -11.57 10.43
N CYS A 78 4.50 -10.35 10.71
CA CYS A 78 4.57 -9.34 9.68
C CYS A 78 5.94 -9.05 9.11
N VAL A 79 5.92 -8.25 8.05
CA VAL A 79 7.09 -7.75 7.32
C VAL A 79 6.57 -6.42 6.81
N MET A 80 6.98 -5.40 7.51
CA MET A 80 6.53 -4.08 7.22
C MET A 80 7.53 -3.35 6.35
N MET A 81 7.01 -2.55 5.43
CA MET A 81 7.86 -1.78 4.57
C MET A 81 7.62 -0.35 4.94
N GLN A 82 8.64 0.27 5.52
CA GLN A 82 8.52 1.66 5.91
C GLN A 82 9.14 2.53 4.84
N GLY A 83 8.32 3.36 4.23
CA GLY A 83 8.81 4.22 3.18
C GLY A 83 8.79 3.44 1.89
N ARG A 84 7.63 3.39 1.27
CA ARG A 84 7.50 2.67 0.02
C ARG A 84 8.18 3.39 -1.11
N PHE A 85 8.29 2.71 -2.24
CA PHE A 85 8.91 3.27 -3.44
C PHE A 85 7.83 3.92 -4.28
N HIS A 86 8.20 4.94 -5.03
CA HIS A 86 7.24 5.64 -5.86
C HIS A 86 7.74 5.81 -7.27
N MET A 87 6.80 5.85 -8.19
CA MET A 87 7.13 6.01 -9.57
C MET A 87 7.72 7.41 -9.71
N TYR A 88 7.07 8.41 -9.11
CA TYR A 88 7.54 9.78 -9.19
C TYR A 88 8.94 10.00 -8.68
N GLU A 89 9.50 9.01 -8.00
CA GLU A 89 10.86 9.10 -7.50
C GLU A 89 11.79 8.58 -8.60
N GLY A 90 11.25 8.26 -9.76
CA GLY A 90 12.08 7.75 -10.83
C GLY A 90 12.21 6.24 -10.85
N TYR A 91 11.56 5.59 -9.91
CA TYR A 91 11.61 4.14 -9.86
C TYR A 91 10.81 3.49 -10.97
N PRO A 92 11.44 2.62 -11.76
CA PRO A 92 10.53 2.05 -12.76
C PRO A 92 9.57 1.20 -11.95
N LEU A 93 8.34 1.03 -12.41
CA LEU A 93 7.44 0.21 -11.63
C LEU A 93 7.97 -1.17 -11.27
N TRP A 94 8.84 -1.77 -12.07
CA TRP A 94 9.34 -3.08 -11.68
C TRP A 94 10.31 -3.02 -10.51
N LYS A 95 10.53 -1.82 -9.97
CA LYS A 95 11.39 -1.64 -8.79
C LYS A 95 10.44 -1.22 -7.69
N VAL A 96 9.42 -0.46 -8.04
CA VAL A 96 8.43 -0.05 -7.08
C VAL A 96 7.76 -1.30 -6.50
N THR A 97 7.51 -2.29 -7.35
CA THR A 97 6.86 -3.50 -6.88
C THR A 97 7.73 -4.71 -6.52
N PHE A 98 9.04 -4.61 -6.77
CA PHE A 98 9.96 -5.69 -6.44
C PHE A 98 9.67 -6.21 -5.05
N PRO A 99 9.54 -5.31 -4.07
CA PRO A 99 9.25 -5.79 -2.73
C PRO A 99 8.05 -6.73 -2.70
N VAL A 100 6.92 -6.40 -3.29
CA VAL A 100 5.80 -7.33 -3.24
C VAL A 100 6.18 -8.71 -3.76
N ARG A 101 6.96 -8.70 -4.83
CA ARG A 101 7.40 -9.94 -5.43
C ARG A 101 8.20 -10.76 -4.45
N VAL A 102 9.10 -10.10 -3.72
CA VAL A 102 9.97 -10.74 -2.72
C VAL A 102 9.15 -11.23 -1.53
N PHE A 103 8.20 -10.42 -1.09
CA PHE A 103 7.33 -10.76 0.05
C PHE A 103 6.72 -12.12 -0.20
N HIS A 104 6.13 -12.24 -1.38
CA HIS A 104 5.50 -13.48 -1.77
C HIS A 104 6.47 -14.62 -1.60
N LEU A 105 7.67 -14.49 -2.13
CA LEU A 105 8.66 -15.55 -2.00
C LEU A 105 9.06 -15.79 -0.53
N LEU A 106 8.76 -14.83 0.34
CA LEU A 106 9.09 -14.93 1.75
C LEU A 106 8.01 -15.76 2.44
N GLY A 107 7.04 -16.22 1.65
CA GLY A 107 5.95 -17.00 2.19
C GLY A 107 4.75 -16.12 2.47
N VAL A 108 4.90 -14.83 2.25
CA VAL A 108 3.83 -13.86 2.48
C VAL A 108 2.62 -14.21 1.62
N ASP A 109 1.44 -14.21 2.23
CA ASP A 109 0.23 -14.51 1.48
C ASP A 109 -0.83 -13.42 1.55
N THR A 110 -0.55 -12.36 2.28
CA THR A 110 -1.49 -11.24 2.39
C THR A 110 -0.65 -9.97 2.36
N LEU A 111 -1.22 -8.89 1.82
CA LEU A 111 -0.54 -7.62 1.73
C LEU A 111 -1.55 -6.60 2.06
N VAL A 112 -1.29 -5.80 3.08
CA VAL A 112 -2.19 -4.73 3.41
C VAL A 112 -1.41 -3.49 2.99
N VAL A 113 -1.96 -2.77 2.02
CA VAL A 113 -1.33 -1.57 1.49
C VAL A 113 -2.01 -0.36 2.05
N THR A 114 -1.24 0.61 2.55
CA THR A 114 -1.84 1.84 3.06
C THR A 114 -1.23 2.96 2.26
N ASN A 115 -1.75 4.16 2.42
CA ASN A 115 -1.23 5.32 1.72
C ASN A 115 -1.96 6.59 2.14
N ALA A 116 -1.44 7.75 1.79
CA ALA A 116 -2.10 9.00 2.13
C ALA A 116 -2.62 9.53 0.82
N ALA A 117 -3.88 9.97 0.79
CA ALA A 117 -4.46 10.47 -0.45
C ALA A 117 -5.36 11.65 -0.21
N GLY A 118 -5.65 12.38 -1.28
CA GLY A 118 -6.51 13.54 -1.23
C GLY A 118 -7.94 13.05 -1.38
N GLY A 119 -8.89 13.80 -0.83
CA GLY A 119 -10.27 13.38 -0.90
C GLY A 119 -11.01 13.95 -2.07
N LEU A 120 -11.33 13.10 -3.03
CA LEU A 120 -12.06 13.58 -4.19
C LEU A 120 -13.50 13.66 -3.79
N ASN A 121 -13.98 12.63 -3.12
CA ASN A 121 -15.39 12.60 -2.71
C ASN A 121 -15.62 13.62 -1.61
N PRO A 122 -16.58 14.54 -1.84
CA PRO A 122 -16.96 15.60 -0.89
C PRO A 122 -17.32 15.05 0.48
N LYS A 123 -17.91 13.86 0.50
CA LYS A 123 -18.29 13.18 1.73
C LYS A 123 -17.10 13.09 2.63
N PHE A 124 -15.95 12.72 2.06
CA PHE A 124 -14.72 12.57 2.83
C PHE A 124 -14.40 13.84 3.61
N GLU A 125 -13.94 13.63 4.84
CA GLU A 125 -13.57 14.73 5.72
C GLU A 125 -12.10 14.40 5.84
N VAL A 126 -11.23 15.40 5.86
CA VAL A 126 -9.82 15.08 5.99
C VAL A 126 -9.63 14.16 7.21
N GLY A 127 -8.56 13.38 7.23
CA GLY A 127 -8.36 12.48 8.35
C GLY A 127 -9.16 11.20 8.21
N ASP A 128 -10.13 11.20 7.30
CA ASP A 128 -10.95 10.02 7.05
C ASP A 128 -10.09 8.88 6.52
N ILE A 129 -10.36 7.68 6.97
CA ILE A 129 -9.65 6.51 6.51
C ILE A 129 -10.59 5.86 5.50
N MET A 130 -10.10 5.61 4.29
CA MET A 130 -10.91 5.00 3.26
C MET A 130 -10.45 3.61 2.93
N LEU A 131 -11.34 2.65 3.09
CA LEU A 131 -11.07 1.25 2.80
C LEU A 131 -11.02 1.22 1.28
N ILE A 132 -9.95 0.68 0.71
CA ILE A 132 -9.87 0.67 -0.73
C ILE A 132 -10.67 -0.48 -1.28
N ARG A 133 -11.77 -0.11 -1.91
CA ARG A 133 -12.69 -1.04 -2.55
C ARG A 133 -12.19 -1.34 -3.96
N ASP A 134 -11.74 -0.32 -4.68
CA ASP A 134 -11.27 -0.51 -6.05
C ASP A 134 -10.26 0.57 -6.40
N HIS A 135 -9.72 0.51 -7.60
CA HIS A 135 -8.76 1.51 -8.03
C HIS A 135 -8.87 1.79 -9.51
N ILE A 136 -8.51 3.00 -9.92
CA ILE A 136 -8.50 3.36 -11.33
C ILE A 136 -7.02 3.52 -11.54
N ASN A 137 -6.41 2.63 -12.31
CA ASN A 137 -4.97 2.65 -12.53
C ASN A 137 -4.56 3.46 -13.74
N LEU A 138 -4.65 4.78 -13.62
CA LEU A 138 -4.31 5.67 -14.71
C LEU A 138 -2.98 5.43 -15.43
N PRO A 139 -1.84 5.32 -14.72
CA PRO A 139 -0.59 5.08 -15.46
C PRO A 139 -0.65 3.71 -16.16
N GLY A 140 -1.44 2.80 -15.59
CA GLY A 140 -1.59 1.48 -16.19
C GLY A 140 -2.23 1.59 -17.54
N PHE A 141 -3.19 2.49 -17.71
CA PHE A 141 -3.86 2.68 -18.99
C PHE A 141 -2.87 3.04 -20.08
N SER A 142 -1.76 3.67 -19.70
CA SER A 142 -0.77 4.12 -20.66
C SER A 142 0.42 3.23 -20.88
N GLY A 143 0.50 2.13 -20.14
CA GLY A 143 1.63 1.22 -20.29
C GLY A 143 2.43 1.10 -19.02
N GLN A 144 2.31 2.10 -18.15
CA GLN A 144 3.04 2.08 -16.89
C GLN A 144 2.26 1.17 -15.98
N ASN A 145 2.44 -0.12 -16.23
CA ASN A 145 1.82 -1.20 -15.49
C ASN A 145 2.99 -2.08 -15.06
N PRO A 146 3.07 -2.43 -13.77
CA PRO A 146 4.14 -3.25 -13.20
C PRO A 146 4.38 -4.61 -13.81
N LEU A 147 3.37 -5.09 -14.55
CA LEU A 147 3.46 -6.37 -15.23
C LEU A 147 3.89 -6.29 -16.70
N ARG A 148 4.28 -5.13 -17.19
CA ARG A 148 4.69 -4.98 -18.58
C ARG A 148 6.02 -5.66 -18.81
N GLY A 149 6.03 -6.62 -19.73
CA GLY A 149 7.25 -7.34 -20.02
C GLY A 149 6.93 -8.83 -20.09
N PRO A 150 7.94 -9.67 -20.27
CA PRO A 150 7.59 -11.08 -20.32
C PRO A 150 7.15 -11.55 -18.95
N ASN A 151 5.98 -12.17 -18.93
CA ASN A 151 5.34 -12.72 -17.72
C ASN A 151 6.06 -13.92 -17.18
N ASP A 152 6.21 -13.96 -15.87
CA ASP A 152 6.83 -15.13 -15.28
C ASP A 152 5.65 -15.95 -14.83
N GLU A 153 5.37 -17.05 -15.53
CA GLU A 153 4.26 -17.88 -15.12
C GLU A 153 4.54 -18.42 -13.71
N ARG A 154 5.78 -18.24 -13.23
CA ARG A 154 6.21 -18.66 -11.89
C ARG A 154 5.60 -17.85 -10.75
N PHE A 155 5.17 -16.64 -11.06
CA PHE A 155 4.57 -15.76 -10.06
C PHE A 155 3.08 -15.66 -10.32
N GLY A 156 2.71 -15.82 -11.59
CA GLY A 156 1.30 -15.72 -11.94
C GLY A 156 1.04 -15.67 -13.43
N ASP A 157 -0.23 -15.43 -13.75
CA ASP A 157 -0.69 -15.37 -15.13
C ASP A 157 -0.21 -14.18 -15.92
N ARG A 158 -0.59 -14.16 -17.19
CA ARG A 158 -0.26 -13.09 -18.12
C ARG A 158 -1.29 -11.99 -18.00
N PHE A 159 -2.54 -12.36 -17.81
CA PHE A 159 -3.62 -11.39 -17.71
C PHE A 159 -4.40 -11.50 -16.41
N PRO A 160 -3.79 -11.07 -15.30
CA PRO A 160 -4.40 -11.12 -14.00
C PRO A 160 -5.69 -10.37 -13.98
N ALA A 161 -6.64 -10.84 -13.20
CA ALA A 161 -7.91 -10.18 -13.08
C ALA A 161 -7.72 -9.24 -11.92
N MET A 162 -8.09 -7.97 -12.13
CA MET A 162 -7.96 -6.96 -11.10
C MET A 162 -9.32 -6.58 -10.59
N SER A 163 -10.36 -7.08 -11.24
CA SER A 163 -11.70 -6.76 -10.79
C SER A 163 -11.86 -7.19 -9.33
N ASP A 164 -11.20 -8.27 -8.95
CA ASP A 164 -11.31 -8.75 -7.57
C ASP A 164 -10.10 -8.44 -6.70
N ALA A 165 -9.34 -7.40 -7.01
CA ALA A 165 -8.14 -7.06 -6.24
C ALA A 165 -8.33 -6.87 -4.73
N TYR A 166 -9.15 -5.91 -4.35
CA TYR A 166 -9.36 -5.65 -2.93
C TYR A 166 -10.28 -6.69 -2.32
N ASP A 167 -9.65 -7.70 -1.73
CA ASP A 167 -10.32 -8.84 -1.11
C ASP A 167 -11.65 -8.50 -0.49
N ARG A 168 -12.73 -9.01 -1.09
CA ARG A 168 -14.07 -8.73 -0.58
C ARG A 168 -14.19 -9.12 0.88
N THR A 169 -13.67 -10.29 1.22
CA THR A 169 -13.75 -10.77 2.60
C THR A 169 -13.21 -9.70 3.54
N MET A 170 -11.92 -9.42 3.44
CA MET A 170 -11.28 -8.45 4.31
C MET A 170 -11.97 -7.10 4.36
N ARG A 171 -12.74 -6.76 3.35
CA ARG A 171 -13.43 -5.48 3.33
C ARG A 171 -14.64 -5.54 4.21
N GLN A 172 -15.28 -6.71 4.24
CA GLN A 172 -16.45 -6.89 5.08
C GLN A 172 -15.95 -6.91 6.51
N ARG A 173 -14.91 -7.71 6.75
CA ARG A 173 -14.34 -7.80 8.09
C ARG A 173 -13.92 -6.44 8.59
N ALA A 174 -13.23 -5.68 7.75
CA ALA A 174 -12.75 -4.35 8.11
C ALA A 174 -13.89 -3.40 8.45
N LEU A 175 -14.97 -3.45 7.69
CA LEU A 175 -16.12 -2.58 7.96
C LEU A 175 -16.76 -2.97 9.30
N SER A 176 -16.72 -4.27 9.60
CA SER A 176 -17.25 -4.79 10.83
C SER A 176 -16.33 -4.32 11.94
N THR A 177 -15.07 -4.76 11.92
CA THR A 177 -14.08 -4.36 12.92
C THR A 177 -14.11 -2.86 13.21
N TRP A 178 -14.35 -2.05 12.19
CA TRP A 178 -14.39 -0.63 12.44
C TRP A 178 -15.53 -0.42 13.40
N LYS A 179 -16.61 -1.14 13.16
CA LYS A 179 -17.81 -1.09 13.99
C LYS A 179 -17.54 -1.69 15.40
N GLN A 180 -16.99 -2.90 15.45
CA GLN A 180 -16.70 -3.56 16.71
C GLN A 180 -15.95 -2.58 17.63
N MET A 181 -15.01 -1.84 17.07
CA MET A 181 -14.24 -0.86 17.82
C MET A 181 -15.15 0.23 18.38
N GLY A 182 -16.29 0.45 17.71
CA GLY A 182 -17.23 1.48 18.12
C GLY A 182 -16.64 2.85 17.86
N GLU A 183 -16.24 3.10 16.61
CA GLU A 183 -15.61 4.37 16.22
C GLU A 183 -16.56 5.51 15.87
N GLN A 184 -17.80 5.17 15.54
CA GLN A 184 -18.85 6.13 15.17
C GLN A 184 -18.83 6.48 13.68
N ARG A 185 -17.78 7.17 13.24
CA ARG A 185 -17.62 7.57 11.82
C ARG A 185 -17.30 6.30 11.05
N GLU A 186 -18.29 5.71 10.38
CA GLU A 186 -18.09 4.47 9.61
C GLU A 186 -16.92 4.54 8.64
N LEU A 187 -16.06 3.54 8.72
CA LEU A 187 -14.90 3.44 7.87
C LEU A 187 -15.35 3.78 6.46
N GLN A 188 -14.78 4.82 5.89
CA GLN A 188 -15.13 5.24 4.53
C GLN A 188 -14.74 4.14 3.57
N GLU A 189 -15.28 4.16 2.36
CA GLU A 189 -14.91 3.15 1.38
C GLU A 189 -15.14 3.76 0.01
N GLY A 190 -14.23 3.48 -0.91
CA GLY A 190 -14.35 4.01 -2.25
C GLY A 190 -13.19 3.64 -3.16
N THR A 191 -13.29 4.05 -4.44
CA THR A 191 -12.27 3.79 -5.45
C THR A 191 -11.07 4.72 -5.30
N TYR A 192 -9.88 4.17 -5.45
CA TYR A 192 -8.66 4.94 -5.33
C TYR A 192 -8.04 5.11 -6.70
N VAL A 193 -7.73 6.34 -7.07
CA VAL A 193 -7.13 6.63 -8.37
C VAL A 193 -5.64 6.96 -8.30
N MET A 194 -4.80 6.11 -8.88
CA MET A 194 -3.38 6.40 -8.88
C MET A 194 -3.13 7.41 -9.99
N VAL A 195 -2.18 8.29 -9.75
CA VAL A 195 -1.84 9.36 -10.65
C VAL A 195 -0.36 9.54 -10.28
N ALA A 196 0.56 9.52 -11.25
CA ALA A 196 2.00 9.68 -10.95
C ALA A 196 2.41 11.16 -10.96
N GLY A 197 3.71 11.40 -11.18
CA GLY A 197 4.21 12.77 -11.25
C GLY A 197 4.21 13.31 -9.86
N PRO A 198 5.30 13.92 -9.39
CA PRO A 198 5.27 14.41 -8.03
C PRO A 198 4.34 15.58 -7.79
N SER A 199 4.10 16.42 -8.79
CA SER A 199 3.24 17.57 -8.55
C SER A 199 1.81 17.19 -8.16
N PHE A 200 1.09 18.17 -7.63
CA PHE A 200 -0.28 17.98 -7.21
C PHE A 200 -1.25 18.36 -8.31
N GLU A 201 -2.43 17.78 -8.24
CA GLU A 201 -3.48 17.99 -9.20
C GLU A 201 -3.86 19.46 -9.30
N THR A 202 -4.32 19.88 -10.47
CA THR A 202 -4.76 21.25 -10.65
C THR A 202 -6.25 21.10 -10.41
N VAL A 203 -6.97 22.20 -10.36
CA VAL A 203 -8.40 22.10 -10.14
C VAL A 203 -9.04 21.28 -11.24
N ALA A 204 -8.78 21.65 -12.49
CA ALA A 204 -9.36 20.96 -13.62
C ALA A 204 -9.03 19.48 -13.68
N GLU A 205 -7.92 19.08 -13.10
CA GLU A 205 -7.56 17.66 -13.08
C GLU A 205 -8.36 16.96 -11.99
N CYS A 206 -8.59 17.63 -10.86
CA CYS A 206 -9.36 17.07 -9.77
C CYS A 206 -10.73 16.73 -10.29
N ARG A 207 -11.28 17.60 -11.15
CA ARG A 207 -12.60 17.37 -11.71
C ARG A 207 -12.68 16.15 -12.62
N VAL A 208 -11.59 15.82 -13.33
CA VAL A 208 -11.66 14.62 -14.15
C VAL A 208 -11.53 13.44 -13.22
N LEU A 209 -10.63 13.50 -12.23
CA LEU A 209 -10.49 12.40 -11.26
C LEU A 209 -11.85 12.18 -10.60
N GLN A 210 -12.58 13.27 -10.36
CA GLN A 210 -13.91 13.23 -9.77
C GLN A 210 -14.77 12.47 -10.79
N LYS A 211 -14.92 13.04 -11.99
CA LYS A 211 -15.72 12.42 -13.06
C LYS A 211 -15.42 10.93 -13.23
N LEU A 212 -14.17 10.58 -13.49
CA LEU A 212 -13.78 9.19 -13.66
C LEU A 212 -14.39 8.30 -12.60
N GLY A 213 -14.62 8.86 -11.43
CA GLY A 213 -15.22 8.09 -10.36
C GLY A 213 -14.31 7.78 -9.19
N ALA A 214 -13.20 8.49 -9.08
CA ALA A 214 -12.29 8.24 -7.97
C ALA A 214 -12.73 9.02 -6.75
N ASP A 215 -12.57 8.39 -5.58
CA ASP A 215 -12.95 8.97 -4.31
C ASP A 215 -11.75 9.56 -3.62
N ALA A 216 -10.56 9.00 -3.87
CA ALA A 216 -9.32 9.49 -3.29
C ALA A 216 -8.17 9.39 -4.27
N VAL A 217 -7.37 10.45 -4.44
CA VAL A 217 -6.25 10.48 -5.37
C VAL A 217 -4.89 10.32 -4.68
N GLY A 218 -3.97 9.60 -5.29
CA GLY A 218 -2.69 9.38 -4.68
C GLY A 218 -1.73 8.91 -5.72
N MET A 219 -0.46 8.77 -5.36
CA MET A 219 0.58 8.40 -6.30
C MET A 219 1.32 7.11 -5.97
N SER A 220 0.59 6.09 -5.52
CA SER A 220 1.21 4.83 -5.19
C SER A 220 0.13 3.78 -4.97
N THR A 221 0.53 2.62 -4.46
CA THR A 221 -0.39 1.53 -4.15
C THR A 221 -0.86 0.68 -5.32
N VAL A 222 -1.50 1.29 -6.31
CA VAL A 222 -1.98 0.53 -7.45
C VAL A 222 -0.95 -0.44 -8.03
N PRO A 223 0.31 -0.03 -8.21
CA PRO A 223 1.18 -1.06 -8.77
C PRO A 223 1.47 -2.22 -7.81
N GLU A 224 1.49 -1.98 -6.49
CA GLU A 224 1.74 -3.07 -5.54
C GLU A 224 0.53 -3.97 -5.49
N VAL A 225 -0.66 -3.39 -5.45
CA VAL A 225 -1.88 -4.18 -5.43
C VAL A 225 -1.84 -5.13 -6.64
N ILE A 226 -1.46 -4.58 -7.78
CA ILE A 226 -1.41 -5.34 -9.02
C ILE A 226 -0.42 -6.50 -9.07
N VAL A 227 0.83 -6.28 -8.72
CA VAL A 227 1.75 -7.41 -8.77
C VAL A 227 1.48 -8.39 -7.61
N ALA A 228 0.76 -7.93 -6.60
CA ALA A 228 0.41 -8.76 -5.44
C ALA A 228 -0.64 -9.73 -5.92
N ARG A 229 -1.74 -9.20 -6.42
CA ARG A 229 -2.82 -10.03 -6.94
C ARG A 229 -2.25 -11.00 -7.97
N HIS A 230 -1.33 -10.51 -8.79
CA HIS A 230 -0.71 -11.35 -9.82
C HIS A 230 -0.10 -12.60 -9.22
N CYS A 231 0.43 -12.46 -8.00
CA CYS A 231 1.06 -13.56 -7.26
C CYS A 231 0.04 -14.34 -6.43
N GLY A 232 -1.16 -13.81 -6.32
CA GLY A 232 -2.19 -14.47 -5.55
C GLY A 232 -2.10 -14.12 -4.08
N LEU A 233 -1.75 -12.88 -3.79
CA LEU A 233 -1.63 -12.42 -2.43
C LEU A 233 -2.96 -11.80 -2.09
N ARG A 234 -3.52 -12.15 -0.94
CA ARG A 234 -4.78 -11.55 -0.52
C ARG A 234 -4.38 -10.09 -0.31
N VAL A 235 -5.14 -9.15 -0.85
CA VAL A 235 -4.77 -7.76 -0.71
C VAL A 235 -5.93 -6.88 -0.31
N PHE A 236 -5.69 -6.02 0.67
CA PHE A 236 -6.67 -5.05 1.11
C PHE A 236 -5.84 -3.89 1.62
N GLY A 237 -6.44 -2.73 1.71
CA GLY A 237 -5.69 -1.57 2.15
C GLY A 237 -6.61 -0.41 2.42
N PHE A 238 -6.02 0.65 2.96
CA PHE A 238 -6.75 1.83 3.35
C PHE A 238 -5.94 2.99 2.88
N SER A 239 -6.57 4.13 2.72
CA SER A 239 -5.87 5.31 2.31
C SER A 239 -6.33 6.34 3.33
N LEU A 240 -5.39 7.05 3.92
CA LEU A 240 -5.66 8.08 4.92
C LEU A 240 -5.88 9.39 4.17
N ILE A 241 -7.12 9.87 4.08
CA ILE A 241 -7.43 11.13 3.40
C ILE A 241 -6.69 12.29 4.06
N THR A 242 -5.45 12.51 3.67
CA THR A 242 -4.65 13.56 4.27
C THR A 242 -5.07 14.98 3.92
N ASN A 243 -6.11 15.12 3.10
CA ASN A 243 -6.62 16.44 2.74
C ASN A 243 -7.77 16.33 1.75
N LYS A 244 -8.39 17.44 1.42
CA LYS A 244 -9.48 17.43 0.47
C LYS A 244 -9.04 18.27 -0.71
N VAL A 245 -9.14 17.71 -1.91
CA VAL A 245 -8.73 18.40 -3.11
C VAL A 245 -9.81 19.45 -3.46
N ILE A 246 -9.39 20.64 -3.88
CA ILE A 246 -10.33 21.71 -4.22
C ILE A 246 -10.91 21.49 -5.63
N MET A 247 -12.20 21.14 -5.69
CA MET A 247 -12.87 20.86 -6.97
C MET A 247 -13.34 22.13 -7.69
N ASP A 248 -13.53 23.21 -6.96
CA ASP A 248 -13.98 24.46 -7.54
C ASP A 248 -12.80 25.42 -7.57
N TYR A 249 -12.88 26.43 -8.43
CA TYR A 249 -11.78 27.38 -8.52
C TYR A 249 -11.60 28.31 -7.32
N GLU A 250 -12.42 28.12 -6.30
CA GLU A 250 -12.25 28.88 -5.06
C GLU A 250 -11.26 27.95 -4.34
N SER A 251 -10.11 27.75 -4.98
CA SER A 251 -9.08 26.86 -4.49
C SER A 251 -8.39 27.46 -3.25
N LEU A 252 -7.29 28.18 -3.49
CA LEU A 252 -6.51 28.80 -2.42
C LEU A 252 -5.79 27.69 -1.64
N GLU A 253 -6.51 27.08 -0.69
CA GLU A 253 -6.03 26.00 0.19
C GLU A 253 -4.91 25.11 -0.38
N LYS A 254 -3.87 24.91 0.44
CA LYS A 254 -2.71 24.12 0.03
C LYS A 254 -2.49 22.94 1.00
N ALA A 255 -1.96 21.81 0.49
CA ALA A 255 -1.72 20.61 1.31
C ALA A 255 -0.56 19.70 0.85
N ASN A 256 0.65 20.25 0.77
CA ASN A 256 1.83 19.47 0.34
C ASN A 256 2.19 18.30 1.27
N HIS A 257 3.21 17.52 0.89
CA HIS A 257 3.70 16.44 1.76
C HIS A 257 4.26 17.27 2.89
N GLU A 258 4.96 18.34 2.49
CA GLU A 258 5.52 19.32 3.42
C GLU A 258 4.26 20.08 3.92
N GLU A 259 3.53 19.36 4.76
CA GLU A 259 2.28 19.74 5.40
C GLU A 259 1.88 18.35 5.90
N VAL A 260 1.18 17.59 5.06
CA VAL A 260 0.74 16.23 5.40
C VAL A 260 0.12 16.10 6.82
N LEU A 261 -0.20 17.24 7.43
CA LEU A 261 -0.74 17.30 8.79
C LEU A 261 -1.77 16.32 9.31
N ALA A 262 -2.58 15.70 8.44
CA ALA A 262 -3.52 14.70 8.96
C ALA A 262 -2.54 13.61 9.42
N ALA A 263 -1.68 13.21 8.47
CA ALA A 263 -0.64 12.21 8.70
C ALA A 263 0.47 12.89 9.50
N GLY A 264 0.31 14.20 9.65
CA GLY A 264 1.23 14.99 10.44
C GLY A 264 0.58 15.11 11.82
N LYS A 265 -0.36 14.18 12.09
CA LYS A 265 -1.10 14.12 13.35
C LYS A 265 -1.53 12.68 13.72
N GLN A 266 -2.50 12.57 14.62
CA GLN A 266 -3.02 11.30 15.11
C GLN A 266 -4.07 10.59 14.25
N ALA A 267 -4.49 11.24 13.17
CA ALA A 267 -5.46 10.63 12.27
C ALA A 267 -4.81 9.34 11.80
N ALA A 268 -3.50 9.44 11.55
CA ALA A 268 -2.67 8.31 11.09
C ALA A 268 -2.54 7.25 12.15
N GLN A 269 -2.64 7.67 13.41
CA GLN A 269 -2.51 6.76 14.53
C GLN A 269 -3.71 5.80 14.57
N LYS A 270 -4.88 6.32 14.27
CA LYS A 270 -6.08 5.49 14.26
C LYS A 270 -5.94 4.40 13.21
N LEU A 271 -5.40 4.76 12.05
CA LEU A 271 -5.20 3.80 10.95
C LEU A 271 -4.22 2.71 11.33
N GLU A 272 -3.17 3.09 12.05
CA GLU A 272 -2.17 2.14 12.47
C GLU A 272 -2.76 1.13 13.41
N GLN A 273 -3.52 1.60 14.39
CA GLN A 273 -4.12 0.67 15.32
C GLN A 273 -5.18 -0.17 14.63
N PHE A 274 -5.96 0.45 13.75
CA PHE A 274 -6.97 -0.28 13.00
C PHE A 274 -6.31 -1.43 12.23
N VAL A 275 -5.24 -1.10 11.52
CA VAL A 275 -4.49 -2.09 10.74
C VAL A 275 -3.96 -3.18 11.65
N SER A 276 -3.57 -2.79 12.87
CA SER A 276 -3.04 -3.74 13.85
C SER A 276 -4.15 -4.69 14.30
N ILE A 277 -5.31 -4.13 14.64
CA ILE A 277 -6.46 -4.93 15.05
C ILE A 277 -6.77 -5.93 13.96
N LEU A 278 -6.76 -5.46 12.72
CA LEU A 278 -7.08 -6.27 11.57
C LEU A 278 -6.19 -7.47 11.34
N MET A 279 -5.04 -7.54 12.01
CA MET A 279 -4.18 -8.70 11.86
C MET A 279 -4.99 -9.91 12.31
N ALA A 280 -5.80 -9.69 13.33
CA ALA A 280 -6.68 -10.70 13.90
C ALA A 280 -7.76 -11.21 12.96
N SER A 281 -8.04 -10.49 11.88
CA SER A 281 -9.05 -10.88 10.91
C SER A 281 -8.42 -11.35 9.62
N ILE A 282 -7.10 -11.47 9.60
CA ILE A 282 -6.41 -11.94 8.42
C ILE A 282 -6.26 -13.42 8.63
N PRO A 283 -6.92 -14.22 7.78
CA PRO A 283 -6.87 -15.67 7.87
C PRO A 283 -5.46 -16.19 8.00
N LEU A 284 -5.28 -17.15 8.90
CA LEU A 284 -3.99 -17.78 9.12
C LEU A 284 -3.75 -18.79 8.02
N PRO A 285 -2.48 -19.11 7.76
CA PRO A 285 -2.26 -20.11 6.71
C PRO A 285 -2.69 -21.46 7.28
N ASP A 286 -2.89 -21.48 8.60
CA ASP A 286 -3.31 -22.67 9.32
C ASP A 286 -4.77 -22.99 8.98
N LYS A 287 -5.62 -21.96 9.08
CA LYS A 287 -7.06 -22.05 8.85
C LYS A 287 -7.66 -22.64 10.12
N ALA A 288 -7.12 -23.79 10.52
CA ALA A 288 -7.51 -24.52 11.73
C ALA A 288 -9.01 -24.55 12.03
N SER A 289 -9.78 -25.00 11.06
CA SER A 289 -11.23 -25.09 11.20
C SER A 289 -11.88 -23.74 11.48
#